data_5M5O
#
_entry.id   5M5O
#
loop_
_entity.id
_entity.type
_entity.pdbx_description
1 polymer 'Tubulin alpha-1D chain'
2 polymer 'Tubulin beta-2B chain'
3 polymer 'Kinesin-like protein cut7'
4 non-polymer 'MAGNESIUM ION'
5 non-polymer "GUANOSINE-5'-TRIPHOSPHATE"
6 non-polymer "GUANOSINE-5'-DIPHOSPHATE"
7 non-polymer TAXOL
8 non-polymer 'PHOSPHOAMINOPHOSPHONIC ACID-ADENYLATE ESTER'
#
loop_
_entity_poly.entity_id
_entity_poly.type
_entity_poly.pdbx_seq_one_letter_code
_entity_poly.pdbx_strand_id
1 'polypeptide(L)'
;MRECISIHVGQAGVQIGNACWELYCLEHGIQPDGQMPSDKTIGGGDDSFNTFFSETGAGKHVPRAVFVDLEPTVIDEVRT
GTYRQLFHPEQLITGKEDAANNYARGHYTIGKEIIDLVLDRIRKLADQCTGLQGFSVFHSFGGGTGSGFTSLLMERLSVD
YGKKSKLEFSIYPAPQVSTAVVEPYNSILTTHTTLEHSDCAFMVDNEAIYDICRRNLDIERPTYTNLNRLIGQIVSSITA
SLRFDGALNVDLTEFQTNLVPYPRGHFPLATYAPVISAEKAYHEQLSVAEITNACFEPANQMVKCDPRHGKYMACCLLYR
GDVVPKDVNAAIATIKTKRTIQFVDWCPTGFKVGINYEPPTVVPGGDLAKVQRAVCMLSNTTAIAEAWARLDHKFDLMYA
KRAFVHWYVGEGMEEGEFSEAREDMAALEKDYEEVGVDSVEGEGEEEEGEEY
;
A
2 'polypeptide(L)'
;MREIVHIQAGQCGNQIGAKFWEVISDEHGIDPTGSYHGDSDLQLERINVYYNEAAGNKYVPRAILVDLEPGTMDSVRSGP
FGQIFRPDNFVFGQSGAGNNWAKGHYTEGAELVDSVLDVVRKESESCDCLQGFQLTHSLGGGTGSGMGTLLISKIREEYP
DRIMNTFSVVPSPKVSDTVVEPYNATLSVHQLVENTDETYCIDNEALYDICFRTLKLTTPTYGDLNHLVSATMSGVTTCL
RFPGQLNADLRKLAVNMVPFPRLHFFMPGFAPLTSRGSQQYRALTVPELTQQMFDAKNMMAACDPRHGRYLTVAAVFRGR
MSMKEVDEQMLNVQNKNSSYFVEWIPNNVKTAVCDIPPRGLKMSATFIGNSTAIQELFKRISEQFTAMFRRKAFLHWYTG
EGMDEMEFTEAESNMNDLVSEYQQYQDATADEQGEFEEEEGEDEA
;
B
3 'polypeptide(L)'
;ALHDENETNINVVVRVRGRTDQEVRDNSSLAVSTSGAMGAELAIQSDPSSMLVTKTYAFDKVFGPEADQLMLFENSVAPM
LEQVLNGYNCTIFAYGQTGTGKTYTMSGDLSDSDGILSEGAGLIPRALYQLFSSLDNSNQEYAVKCSYYELYNEEIRDLL
VSEELRKPARVFEDTSRRGNVVITGIEESYIKNAGDGLRLLREGSHRRQVAATKCNDLSSRSHSIFTITLHRKVSSGMTD
ETNSLTINNNSDDLLRASKLHMVDLAGSENIGRSGAENKRARETGMINQSLLTLGRVINALVEKAHHIPYRESKLTRLLQ
DSLGGKTKTSMIVTVSSTNTNLEETISTLEYAARAKSIRNKPQNNQLVF
;
C
#
loop_
_chem_comp.id
_chem_comp.type
_chem_comp.name
_chem_comp.formula
ANP non-polymer 'PHOSPHOAMINOPHOSPHONIC ACID-ADENYLATE ESTER' 'C10 H17 N6 O12 P3'
GDP RNA linking GUANOSINE-5'-DIPHOSPHATE 'C10 H15 N5 O11 P2'
GTP non-polymer GUANOSINE-5'-TRIPHOSPHATE 'C10 H16 N5 O14 P3'
MG non-polymer 'MAGNESIUM ION' 'Mg 2'
TA1 non-polymer TAXOL 'C47 H51 N O14'
#
# COMPACT_ATOMS: atom_id res chain seq x y z
CA ARG A 2 -18.39 7.16 40.41
CA GLU A 3 -18.21 4.80 37.53
CA CYS A 4 -15.53 5.43 34.99
CA ILE A 5 -16.14 4.56 31.39
CA SER A 6 -14.58 2.24 28.82
CA ILE A 7 -14.54 2.29 25.04
CA HIS A 8 -13.59 -1.00 23.45
CA VAL A 9 -12.51 -0.15 19.91
CA GLY A 10 -11.75 -2.60 17.13
CA GLN A 11 -13.03 -6.15 16.71
CA ALA A 12 -10.34 -7.32 19.10
CA GLY A 13 -10.90 -4.60 21.68
CA VAL A 14 -14.49 -5.78 21.42
CA GLN A 15 -13.76 -9.52 21.78
CA ILE A 16 -11.53 -8.76 24.75
CA GLY A 17 -14.32 -6.42 25.76
CA ASN A 18 -17.00 -9.08 25.70
CA ALA A 19 -14.56 -11.12 27.82
CA CYS A 20 -13.58 -8.55 30.43
CA TRP A 21 -17.22 -7.65 30.43
CA GLU A 22 -18.09 -11.25 31.10
CA LEU A 23 -15.79 -11.82 34.03
CA TYR A 24 -17.49 -8.77 35.52
CA CYS A 25 -21.10 -9.76 36.09
CA LEU A 26 -19.68 -13.19 36.88
CA GLU A 27 -18.13 -11.84 40.09
CA HIS A 28 -20.93 -9.37 40.82
CA GLY A 29 -23.90 -11.75 40.71
CA ILE A 30 -25.56 -9.99 37.80
CA GLN A 31 -26.65 -12.70 35.31
CA PRO A 32 -27.47 -12.14 31.56
CA ASP A 33 -30.26 -9.72 32.25
CA GLY A 34 -29.77 -7.77 35.48
CA HIS A 61 -28.29 -3.80 35.54
CA VAL A 62 -26.71 -1.64 32.84
CA PRO A 63 -23.06 -1.59 31.65
CA ARG A 64 -21.03 1.59 31.56
CA ALA A 65 -18.98 1.16 28.41
CA VAL A 66 -19.36 1.10 24.66
CA PHE A 67 -18.33 -0.95 21.63
CA VAL A 68 -17.02 0.47 18.34
CA ASP A 69 -16.20 -1.26 15.04
CA LEU A 70 -16.45 -0.13 11.54
CA GLU A 71 -16.75 -3.60 10.11
CA PRO A 72 -20.18 -4.92 10.62
CA THR A 73 -19.30 -8.61 10.45
CA VAL A 74 -17.76 -8.51 13.96
CA ILE A 75 -20.51 -6.84 16.00
CA ASP A 76 -22.68 -9.11 13.93
CA GLU A 77 -21.01 -11.97 15.82
CA VAL A 78 -22.72 -10.59 18.89
CA ARG A 79 -25.85 -10.37 16.76
CA THR A 80 -25.53 -13.96 15.44
CA GLY A 81 -24.41 -15.18 18.66
CA THR A 82 -28.05 -14.89 18.64
CA TYR A 83 -29.20 -11.51 20.22
CA ARG A 84 -31.04 -8.56 19.75
CA GLN A 85 -32.02 -8.22 23.37
CA LEU A 86 -29.48 -7.64 26.33
CA PHE A 87 -26.54 -5.66 25.37
CA HIS A 88 -27.53 -2.49 24.48
CA PRO A 89 -27.78 -1.12 21.00
CA GLU A 90 -26.88 2.20 22.34
CA GLN A 91 -23.34 1.45 23.34
CA LEU A 92 -22.72 -0.71 19.06
CA ILE A 93 -21.33 1.28 16.11
CA THR A 94 -20.70 -0.40 12.75
CA GLY A 95 -19.49 0.81 9.34
CA LYS A 96 -20.79 -0.56 6.02
CA GLU A 97 -17.37 -0.56 4.46
CA ASP A 98 -14.84 -3.25 5.12
CA ALA A 99 -12.34 -1.79 7.51
CA ALA A 100 -9.22 -2.61 5.52
CA ASN A 101 -5.65 -2.59 6.59
CA ASN A 102 -3.74 0.56 6.30
CA TYR A 103 -3.44 3.63 8.36
CA ALA A 104 -4.83 6.33 6.03
CA ARG A 105 -8.01 4.47 5.15
CA GLY A 106 -8.61 3.52 8.75
CA HIS A 107 -7.81 6.94 10.15
CA TYR A 108 -8.97 9.26 7.95
CA THR A 109 -11.27 7.86 5.09
CA ILE A 110 -13.98 5.68 6.60
CA GLY A 111 -13.53 5.81 10.36
CA LYS A 112 -13.94 9.59 10.06
CA GLU A 113 -17.61 9.54 9.10
CA ILE A 114 -18.55 7.85 12.39
CA ILE A 115 -16.34 9.71 14.87
CA ASP A 116 -18.66 12.71 15.28
CA LEU A 117 -21.51 10.41 16.20
CA VAL A 118 -19.12 8.38 18.35
CA LEU A 119 -17.96 11.46 20.23
CA ASP A 120 -21.55 12.61 20.67
CA ARG A 121 -22.14 9.67 22.98
CA ILE A 122 -18.96 10.20 24.97
CA ARG A 123 -20.19 13.78 25.34
CA LYS A 124 -23.81 12.76 25.93
CA LEU A 125 -22.77 10.03 28.38
CA ALA A 126 -20.07 12.31 29.81
CA ASP A 127 -22.63 14.98 30.65
CA GLN A 128 -25.32 12.86 32.31
CA CYS A 129 -23.05 11.62 35.09
CA THR A 130 -20.52 13.50 36.99
CA GLY A 131 -16.87 13.38 37.51
CA LEU A 132 -16.27 10.71 34.84
CA GLN A 133 -12.71 9.35 34.95
CA GLY A 134 -13.18 8.69 31.33
CA PHE A 135 -12.31 6.41 28.85
CA SER A 136 -10.66 3.00 28.97
CA VAL A 137 -10.01 2.48 25.24
CA PHE A 138 -9.51 -0.76 24.75
CA HIS A 139 -7.85 -0.86 21.33
CA SER A 140 -5.41 -3.04 19.53
CA PHE A 141 -2.23 -0.92 19.62
CA GLY A 142 0.17 -3.03 17.65
CA GLY A 143 -2.05 -3.21 14.70
CA GLY A 144 -2.73 -1.08 11.66
CA THR A 145 -5.85 0.53 13.09
CA GLY A 146 -4.29 0.48 16.52
CA SER A 147 -0.90 2.02 15.87
CA GLY A 148 -1.54 4.35 12.97
CA PHE A 149 -5.04 5.66 13.47
CA THR A 150 -4.75 6.45 17.18
CA SER A 151 -1.47 8.07 16.40
CA LEU A 152 -3.49 10.83 14.80
CA LEU A 153 -6.49 10.43 17.12
CA MET A 154 -4.42 11.17 20.20
CA GLU A 155 -2.72 13.60 17.89
CA ARG A 156 -5.89 15.55 17.17
CA LEU A 157 -6.78 15.39 20.91
CA SER A 158 -3.62 16.92 22.32
CA VAL A 159 -4.63 19.99 20.35
CA ASP A 160 -8.37 20.03 20.86
CA TYR A 161 -8.25 18.82 24.40
CA GLY A 162 -6.07 20.92 26.61
CA LYS A 163 -6.73 19.21 29.95
CA LYS A 164 -7.87 15.71 30.00
CA SER A 165 -6.54 12.21 30.32
CA LYS A 166 -7.50 8.67 29.79
CA LEU A 167 -5.82 5.44 30.34
CA GLU A 168 -5.80 3.47 27.13
CA PHE A 169 -5.24 -0.23 27.38
CA SER A 170 -2.28 -2.22 24.14
CA ILE A 171 -1.45 -5.54 22.70
CA TYR A 172 1.03 -6.12 20.16
CA PRO A 173 2.39 -7.25 17.26
CA ALA A 174 5.09 -9.83 18.63
CA PRO A 175 5.94 -8.41 16.92
CA GLN A 176 7.95 -11.48 15.73
CA VAL A 177 4.95 -13.82 15.01
CA SER A 178 3.27 -11.04 13.28
CA THR A 179 3.03 -11.18 9.62
CA ALA A 180 3.82 -7.74 8.84
CA VAL A 181 6.50 -5.97 7.16
CA VAL A 182 4.33 -3.13 8.22
CA GLU A 183 4.52 -3.46 11.94
CA PRO A 184 7.54 -1.25 12.51
CA TYR A 185 6.32 1.37 10.07
CA ASN A 186 3.15 1.42 12.15
CA SER A 187 4.97 1.44 15.49
CA ILE A 188 7.72 3.90 14.88
CA LEU A 189 4.84 6.13 13.82
CA THR A 190 2.54 5.63 16.75
CA THR A 191 5.42 6.26 19.11
CA HIS A 192 6.57 9.58 17.64
CA THR A 193 3.09 11.01 17.32
CA THR A 194 1.92 9.89 20.75
CA LEU A 195 5.03 9.59 22.74
CA GLU A 196 5.09 12.43 25.19
CA HIS A 197 1.42 12.55 25.83
CA SER A 198 -0.08 9.49 26.84
CA ASP A 199 -2.13 9.86 29.79
CA CYS A 200 -1.40 6.41 30.82
CA ALA A 201 -1.29 3.78 28.12
CA PHE A 202 -1.19 0.20 29.38
CA MET A 203 0.43 -2.29 27.10
CA VAL A 204 0.01 -6.04 27.39
CA ASP A 205 2.06 -8.71 25.55
CA ASN A 206 -0.08 -11.02 23.53
CA GLU A 207 2.89 -13.33 22.81
CA ALA A 208 4.49 -13.31 26.24
CA ILE A 209 1.07 -14.53 27.45
CA TYR A 210 1.23 -17.52 25.14
CA ASP A 211 4.40 -18.61 26.85
CA ILE A 212 2.41 -18.66 30.03
CA CYS A 213 -0.12 -20.87 28.23
CA ARG A 214 2.63 -23.18 27.04
CA ARG A 215 4.95 -23.13 30.07
CA ASN A 216 2.54 -22.52 32.89
CA LEU A 217 -0.34 -24.42 31.39
CA ASP A 218 1.79 -27.00 29.75
CA ILE A 219 -0.91 -27.16 27.20
CA GLU A 220 -0.43 -26.45 23.54
CA ARG A 221 -4.12 -25.72 23.43
CA PRO A 222 -5.16 -22.27 24.50
CA THR A 223 -7.02 -20.19 22.09
CA TYR A 224 -7.74 -16.49 21.92
CA THR A 225 -10.72 -16.91 24.19
CA ASN A 226 -8.19 -17.50 26.96
CA LEU A 227 -5.75 -14.66 26.61
CA ASN A 228 -8.94 -12.67 26.72
CA ARG A 229 -9.98 -14.30 30.02
CA LEU A 230 -6.63 -13.27 31.32
CA ILE A 231 -6.54 -9.62 30.37
CA GLY A 232 -10.20 -10.06 31.18
CA GLN A 233 -8.80 -10.58 34.66
CA ILE A 234 -5.99 -8.05 34.96
CA VAL A 235 -8.49 -5.50 33.66
CA SER A 236 -11.07 -6.46 36.24
CA SER A 237 -8.47 -5.47 38.79
CA ILE A 238 -8.12 -2.05 37.22
CA THR A 239 -11.64 -0.65 36.90
CA ALA A 240 -14.20 -3.11 38.24
CA SER A 241 -12.89 -3.72 41.77
CA LEU A 242 -10.98 -0.49 42.14
CA ARG A 243 -13.89 1.79 41.24
CA PHE A 244 -15.92 -0.32 43.62
CA ASP A 245 -15.43 0.00 47.36
CA GLY A 246 -11.90 -1.08 48.13
CA ALA A 247 -9.52 0.61 50.51
CA LEU A 248 -6.84 1.39 47.95
CA ASN A 249 -9.59 3.05 45.82
CA VAL A 250 -6.90 4.42 43.64
CA ASP A 251 -8.24 6.73 41.17
CA LEU A 252 -6.71 6.88 37.77
CA THR A 253 -5.04 10.21 38.29
CA GLU A 254 -3.47 8.58 41.37
CA PHE A 255 -1.50 6.37 39.02
CA GLN A 256 0.22 8.81 36.77
CA THR A 257 0.91 10.87 39.91
CA ASN A 258 2.30 8.08 42.06
CA LEU A 259 3.63 6.33 38.93
CA VAL A 260 5.30 8.87 36.86
CA PRO A 261 7.53 11.58 37.77
CA TYR A 262 6.37 12.67 34.57
CA PRO A 263 4.00 14.41 32.38
CA ARG A 264 5.20 11.71 29.84
CA GLY A 265 3.97 9.79 28.24
CA HIS A 266 6.42 6.89 28.62
CA PHE A 267 4.54 3.72 28.42
CA PRO A 268 5.04 1.37 31.36
CA LEU A 269 4.97 -2.46 30.93
CA ALA A 270 2.30 -4.87 32.18
CA THR A 271 3.27 -7.92 34.23
CA TYR A 272 1.14 -10.75 35.66
CA ALA A 273 2.50 -12.38 38.69
CA PRO A 274 1.71 -16.12 38.79
CA VAL A 275 4.14 -18.64 37.67
CA ILE A 276 1.68 -21.23 38.81
CA SER A 277 -0.32 -23.36 36.73
CA ALA A 278 -2.46 -25.86 38.47
CA GLU A 279 -1.62 -28.57 36.01
CA LYS A 280 2.08 -28.28 36.05
CA ALA A 281 2.75 -28.15 39.71
CA TYR A 282 2.13 -26.35 42.90
CA HIS A 283 3.04 -23.36 44.68
CA GLU A 284 0.46 -24.78 45.98
CA GLN A 285 -0.26 -21.54 47.41
CA LEU A 286 2.16 -18.95 46.82
CA SER A 287 2.85 -16.58 49.46
CA VAL A 288 3.64 -13.05 48.77
CA ALA A 289 7.40 -13.31 49.07
CA GLU A 290 7.11 -15.52 45.98
CA ILE A 291 4.41 -14.04 43.74
CA THR A 292 6.17 -10.65 43.86
CA ASN A 293 9.48 -12.00 42.75
CA ALA A 294 7.60 -13.72 39.94
CA CYS A 295 6.71 -10.37 38.49
CA PHE A 296 10.18 -9.12 37.68
CA GLU A 297 11.66 -12.30 36.39
CA PRO A 298 11.84 -11.78 32.81
CA ALA A 299 9.73 -14.36 31.26
CA ASN A 300 6.95 -13.53 33.63
CA GLN A 301 8.00 -9.94 33.08
CA MET A 302 6.87 -10.68 29.58
CA VAL A 303 7.78 -7.78 27.78
CA LYS A 304 10.34 -7.75 25.15
CA CYS A 305 11.33 -4.46 26.51
CA ASP A 306 12.03 -6.01 29.83
CA PRO A 307 15.00 -5.27 31.70
CA ARG A 308 18.13 -6.83 30.71
CA HIS A 309 19.72 -4.22 32.80
CA GLY A 310 17.06 -1.69 32.30
CA LYS A 311 16.16 0.42 35.15
CA TYR A 312 12.85 0.91 36.83
CA MET A 313 11.72 4.41 37.73
CA ALA A 314 8.30 3.67 39.15
CA CYS A 315 6.23 0.54 39.63
CA CYS A 316 2.57 0.25 40.57
CA LEU A 317 2.21 -3.05 42.30
CA LEU A 318 -1.47 -3.82 42.07
CA TYR A 319 -2.30 -6.76 44.29
CA ARG A 320 -5.65 -8.45 44.57
CA GLY A 321 -6.97 -11.20 46.82
CA ASP A 322 -6.01 -12.20 50.32
CA VAL A 323 -2.93 -10.19 50.89
CA VAL A 324 -2.26 -8.54 54.18
CA PRO A 325 -0.98 -5.10 53.89
CA LYS A 326 2.23 -5.51 55.89
CA ASP A 327 3.05 -8.63 53.94
CA VAL A 328 2.94 -6.35 50.92
CA ASN A 329 4.40 -3.27 52.56
CA ALA A 330 7.40 -5.53 53.13
CA ALA A 331 7.47 -7.92 50.20
CA ILE A 332 7.69 -4.76 48.13
CA ALA A 333 10.23 -3.21 50.50
CA THR A 334 12.48 -6.22 50.02
CA ILE A 335 12.15 -5.64 46.27
CA LYS A 336 12.78 -1.88 46.40
CA THR A 337 16.20 -2.91 47.66
CA LYS A 338 17.05 -5.96 45.53
CA ARG A 339 18.81 -3.37 43.46
CA THR A 340 19.71 -6.00 40.94
CA ILE A 341 17.97 -3.95 38.37
CA GLN A 342 19.85 -0.92 39.38
CA PHE A 343 17.43 1.49 39.85
CA VAL A 344 17.53 5.19 39.03
CA ASP A 345 19.08 7.61 41.38
CA TRP A 346 16.53 9.99 40.03
CA CYS A 347 13.61 9.45 42.38
CA PRO A 348 14.71 7.26 44.85
CA THR A 349 11.45 5.42 45.01
CA GLY A 350 8.30 4.84 43.29
CA PHE A 351 6.60 1.65 44.57
CA LYS A 352 2.89 2.36 44.44
CA VAL A 353 1.30 -0.45 46.43
CA GLY A 354 -2.26 -1.03 45.24
CA ILE A 355 -4.25 -3.53 47.29
CA ASN A 356 -7.68 -4.55 46.21
CA TYR A 357 -9.91 -5.53 48.96
CA GLU A 358 -11.77 -7.60 46.52
CA PRO A 359 -10.32 -10.93 46.05
CA PRO A 360 -10.39 -12.07 42.65
CA THR A 361 -12.95 -13.98 40.92
CA VAL A 362 -12.29 -15.44 37.63
CA VAL A 363 -13.99 -17.44 35.06
CA PRO A 364 -13.38 -20.95 36.03
CA GLY A 365 -9.96 -20.75 34.58
CA GLY A 366 -9.09 -24.38 34.44
CA ASP A 367 -6.30 -23.28 32.20
CA LEU A 368 -5.79 -20.18 34.31
CA ALA A 369 -3.96 -20.28 37.55
CA LYS A 370 -6.92 -18.50 38.90
CA VAL A 371 -4.86 -17.74 41.89
CA GLN A 372 -6.70 -16.22 44.70
CA ARG A 373 -3.91 -13.62 45.01
CA ALA A 374 -1.98 -12.02 42.15
CA VAL A 375 0.36 -9.14 41.31
CA CYS A 376 -0.26 -7.08 38.18
CA MET A 377 2.74 -4.84 38.40
CA LEU A 378 3.30 -2.32 35.68
CA SER A 379 6.16 0.13 35.38
CA ASN A 380 8.27 2.57 33.46
CA THR A 381 11.67 1.04 32.81
CA THR A 382 14.92 2.20 31.22
CA ALA A 383 14.89 -1.25 29.70
CA ILE A 384 12.22 0.13 27.25
CA ALA A 385 15.32 1.76 25.71
CA GLU A 386 15.66 -1.69 24.20
CA ALA A 387 12.18 -2.58 22.91
CA TRP A 388 11.98 0.80 21.13
CA ALA A 389 15.49 0.40 19.77
CA ARG A 390 14.85 -3.09 18.38
CA LEU A 391 11.63 -1.83 16.83
CA ASP A 392 13.14 1.27 15.36
CA HIS A 393 15.99 -0.61 13.72
CA LYS A 394 13.38 -2.85 12.06
CA PHE A 395 11.81 0.20 10.44
CA ASP A 396 15.05 1.50 8.94
CA LEU A 397 15.92 -1.76 7.28
CA MET A 398 12.73 -1.51 5.24
CA TYR A 399 12.57 2.23 4.85
CA ALA A 400 16.20 2.03 3.62
CA LYS A 401 14.91 -0.27 0.98
CA ARG A 402 12.92 2.76 -0.41
CA ALA A 403 10.35 1.60 -0.30
CA PHE A 404 7.34 -0.36 0.06
CA VAL A 405 6.66 3.16 1.38
CA HIS A 406 5.76 4.28 -2.02
CA TRP A 407 2.31 2.96 -1.28
CA TYR A 408 1.67 5.46 1.45
CA VAL A 409 3.56 8.47 0.19
CA GLY A 410 1.63 8.31 -3.04
CA GLU A 411 -1.34 8.36 -0.89
CA GLY A 412 -0.59 11.53 0.93
CA MET A 413 1.50 9.90 3.43
CA GLU A 414 4.53 12.06 3.37
CA GLU A 415 8.24 11.61 3.39
CA GLY A 416 7.98 13.99 6.30
CA GLU A 417 5.98 12.03 8.83
CA PHE A 418 8.20 8.99 8.34
CA SER A 419 11.65 10.57 8.29
CA GLU A 420 10.53 13.05 10.91
CA ALA A 421 9.16 10.34 13.22
CA ARG A 422 12.30 8.35 12.79
CA GLU A 423 14.40 11.28 13.99
CA ASP A 424 11.81 11.37 16.78
CA MET A 425 12.53 7.96 18.20
CA ALA A 426 16.23 8.52 17.52
CA ALA A 427 16.17 10.88 20.54
CA LEU A 428 14.34 8.13 22.41
CA GLU A 429 17.33 5.86 21.90
CA LYS A 430 19.38 8.62 23.48
CA ASP A 431 16.56 9.38 25.79
CA TYR A 432 15.83 5.96 27.30
CA GLU A 433 19.60 5.66 27.59
CA GLU A 434 20.38 8.95 29.30
CA VAL A 435 17.41 8.59 31.66
CA GLY A 436 18.63 5.11 32.27
CA VAL A 437 21.32 5.16 34.88
CA ASP A 438 21.37 8.91 34.74
CA SER A 439 22.82 11.04 37.47
CA ARG B 2 -19.31 -7.08 -0.26
CA GLU B 3 -20.35 -9.26 -2.82
CA ILE B 4 -18.54 -10.22 -6.10
CA VAL B 5 -20.00 -10.99 -9.66
CA HIS B 6 -18.48 -13.79 -11.48
CA ILE B 7 -17.69 -13.64 -15.20
CA GLN B 8 -17.56 -16.77 -17.44
CA ALA B 9 -15.66 -15.48 -20.50
CA GLY B 10 -15.07 -17.87 -23.38
CA GLN B 11 -15.88 -21.56 -23.60
CA CYS B 12 -13.28 -22.31 -20.93
CA GLY B 13 -14.37 -19.57 -18.59
CA ASN B 14 -17.73 -21.19 -19.15
CA GLN B 15 -16.74 -24.85 -18.72
CA ILE B 16 -15.20 -23.71 -15.44
CA GLY B 17 -18.37 -21.86 -14.55
CA ALA B 18 -20.02 -25.25 -14.39
CA LYS B 19 -17.33 -26.40 -11.99
CA PHE B 20 -17.16 -23.21 -9.96
CA TRP B 21 -20.89 -23.41 -9.49
CA GLU B 22 -20.88 -27.17 -9.17
CA VAL B 23 -18.77 -26.64 -6.08
CA ILE B 24 -19.88 -23.36 -4.54
CA SER B 25 -23.48 -24.59 -4.55
CA ASP B 26 -22.69 -27.68 -2.45
CA GLU B 27 -20.65 -25.25 -0.31
CA HIS B 28 -24.00 -23.54 0.07
CA GLY B 29 -26.52 -26.39 -0.32
CA ILE B 30 -27.82 -25.22 -3.68
CA ASP B 31 -28.98 -28.09 -5.91
CA PRO B 32 -29.09 -27.63 -9.72
CA THR B 33 -32.19 -25.41 -9.81
CA GLY B 34 -33.16 -26.41 -6.27
CA SER B 35 -32.73 -24.12 -3.29
CA TYR B 36 -30.93 -24.24 0.01
CA HIS B 37 -30.88 -27.85 1.28
CA GLY B 38 -28.02 -26.69 3.49
CA ASP B 39 -27.14 -29.26 6.11
CA SER B 40 -26.85 -26.20 8.34
CA ASP B 41 -28.40 -22.73 8.62
CA LEU B 42 -25.18 -20.72 8.38
CA GLN B 43 -24.54 -21.53 4.71
CA LEU B 44 -27.33 -19.08 3.93
CA GLU B 45 -27.04 -15.86 5.92
CA ARG B 46 -24.27 -14.74 3.58
CA ILE B 47 -25.02 -16.50 0.26
CA ASN B 48 -26.07 -13.25 -1.42
CA VAL B 49 -22.39 -12.77 -2.18
CA TYR B 50 -22.95 -15.15 -5.14
CA TYR B 51 -26.67 -15.32 -5.60
CA ASN B 52 -29.13 -12.74 -6.57
CA GLU B 53 -31.91 -14.71 -6.53
CA ALA B 54 -34.42 -14.36 -9.29
CA ALA B 55 -36.96 -16.64 -7.64
CA GLY B 56 -35.90 -16.22 -3.99
CA ASN B 57 -37.18 -19.69 -3.49
CA LYS B 58 -34.51 -21.15 -5.57
CA TYR B 59 -31.29 -19.32 -5.45
CA VAL B 60 -29.90 -18.00 -8.73
CA PRO B 61 -26.28 -17.58 -9.28
CA ARG B 62 -24.92 -14.29 -10.10
CA ALA B 63 -22.32 -14.21 -12.85
CA ILE B 64 -22.06 -13.45 -16.54
CA LEU B 65 -21.81 -15.99 -19.36
CA VAL B 66 -20.00 -14.44 -22.30
CA ASP B 67 -19.34 -16.50 -25.44
CA LEU B 68 -19.42 -16.18 -29.21
CA GLU B 69 -19.71 -19.87 -29.71
CA PRO B 70 -23.20 -20.90 -28.85
CA GLY B 71 -22.39 -24.61 -28.34
CA THR B 72 -20.52 -23.72 -25.15
CA MET B 73 -23.15 -21.87 -23.11
CA ASP B 74 -25.52 -24.38 -24.74
CA SER B 75 -23.63 -27.16 -22.95
CA VAL B 76 -23.53 -25.32 -19.66
CA ARG B 77 -27.20 -24.48 -20.01
CA SER B 78 -28.15 -28.01 -21.15
CA GLY B 79 -26.46 -29.96 -18.36
CA PRO B 80 -26.65 -30.03 -14.52
CA PHE B 81 -27.07 -26.72 -12.69
CA GLY B 82 -27.33 -25.18 -16.14
CA GLN B 83 -31.01 -24.34 -15.60
CA ILE B 84 -30.56 -22.49 -12.40
CA PHE B 85 -29.81 -19.78 -14.15
CA ARG B 86 -31.17 -16.56 -15.18
CA PRO B 87 -31.42 -16.30 -18.99
CA ASP B 88 -30.58 -12.61 -18.80
CA ASN B 89 -27.09 -13.80 -17.76
CA PHE B 90 -26.41 -15.51 -21.09
CA VAL B 91 -24.69 -12.94 -23.29
CA PHE B 92 -24.13 -15.07 -26.37
CA GLY B 93 -22.68 -14.05 -29.72
CA GLN B 94 -23.75 -14.97 -33.19
CA SER B 95 -20.15 -15.03 -34.24
CA GLY B 96 -17.55 -17.25 -32.71
CA ALA B 97 -14.55 -15.90 -30.91
CA GLY B 98 -12.26 -18.04 -32.98
CA ASN B 99 -8.70 -18.38 -31.91
CA ASN B 100 -7.40 -14.94 -32.50
CA TRP B 101 -6.41 -12.47 -30.03
CA ALA B 102 -7.41 -9.73 -32.22
CA LYS B 103 -10.67 -11.24 -33.33
CA GLY B 104 -12.11 -11.21 -29.83
CA HIS B 105 -10.73 -7.89 -28.66
CA TYR B 106 -11.06 -5.51 -31.61
CA THR B 107 -13.33 -6.90 -34.25
CA GLU B 108 -15.67 -9.56 -33.09
CA GLY B 109 -15.61 -9.18 -29.32
CA ALA B 110 -15.74 -5.40 -29.36
CA GLU B 111 -19.32 -5.68 -30.54
CA LEU B 112 -20.54 -8.17 -27.97
CA VAL B 113 -18.92 -6.07 -25.25
CA ASP B 114 -21.64 -3.45 -24.75
CA SER B 115 -24.20 -6.27 -24.42
CA VAL B 116 -21.95 -7.61 -21.67
CA LEU B 117 -21.11 -4.46 -19.72
CA ASP B 118 -24.87 -4.02 -19.72
CA VAL B 119 -25.25 -7.08 -17.56
CA VAL B 120 -22.02 -6.64 -15.58
CA ARG B 121 -23.85 -3.49 -14.41
CA LYS B 122 -27.16 -5.20 -13.82
CA GLU B 123 -25.26 -7.55 -11.50
CA SER B 124 -23.05 -4.92 -9.90
CA GLU B 125 -25.91 -2.61 -9.16
CA SER B 126 -28.08 -5.47 -7.99
CA CYS B 127 -25.74 -6.34 -5.25
CA ASP B 128 -25.16 -4.45 -2.28
CA CYS B 129 -21.94 -2.79 -1.73
CA LEU B 130 -19.86 -4.30 -4.50
CA GLN B 131 -16.37 -5.66 -3.80
CA GLY B 132 -15.15 -6.89 -7.19
CA PHE B 133 -15.69 -9.34 -10.06
CA GLN B 134 -14.41 -12.88 -10.62
CA LEU B 135 -13.17 -13.64 -14.13
CA THR B 136 -12.64 -17.09 -15.62
CA HIS B 137 -11.26 -17.78 -19.07
CA SER B 138 -8.36 -19.33 -20.94
CA LEU B 139 -5.31 -17.58 -22.27
CA GLY B 140 -4.99 -19.85 -25.22
CA GLY B 141 -8.36 -19.28 -26.78
CA GLY B 142 -10.19 -16.35 -28.45
CA THR B 143 -13.16 -15.85 -26.14
CA GLY B 144 -10.76 -16.31 -23.27
CA SER B 145 -7.63 -14.24 -23.65
CA GLY B 146 -8.89 -11.73 -26.18
CA MET B 147 -12.51 -11.01 -25.36
CA GLY B 148 -12.11 -11.57 -21.62
CA THR B 149 -8.98 -9.48 -21.55
CA LEU B 150 -11.07 -6.75 -23.12
CA LEU B 151 -13.90 -7.13 -20.67
CA ILE B 152 -11.49 -6.12 -17.98
CA SER B 153 -9.74 -3.28 -19.80
CA LYS B 154 -13.25 -1.81 -19.88
CA ILE B 155 -14.18 -2.80 -16.35
CA ARG B 156 -10.95 -1.09 -15.06
CA GLU B 157 -12.00 2.15 -16.74
CA GLU B 158 -15.45 2.02 -15.26
CA TYR B 159 -14.51 1.35 -11.61
CA PRO B 160 -12.11 3.28 -9.67
CA ASP B 161 -13.16 1.29 -6.72
CA ARG B 162 -13.82 -2.35 -7.21
CA ILE B 163 -11.40 -5.22 -7.38
CA MET B 164 -10.75 -7.65 -10.24
CA ASN B 165 -9.60 -11.19 -9.63
CA THR B 166 -8.69 -13.01 -12.77
CA PHE B 167 -8.53 -16.77 -13.14
CA SER B 168 -6.51 -17.43 -16.29
CA VAL B 169 -5.56 -20.71 -17.90
CA VAL B 170 -2.28 -20.84 -19.46
CA PRO B 171 -1.61 -22.91 -22.07
CA SER B 172 0.32 -25.81 -21.13
CA PRO B 173 3.91 -24.87 -21.31
CA LYS B 174 5.07 -28.22 -22.53
CA VAL B 175 3.78 -27.61 -26.03
CA SER B 176 1.78 -24.80 -27.38
CA ASP B 177 -1.73 -25.73 -28.22
CA THR B 178 -1.15 -23.85 -31.42
CA VAL B 179 1.74 -22.21 -33.16
CA VAL B 180 -0.53 -19.19 -33.05
CA GLU B 181 -0.49 -19.21 -29.31
CA PRO B 182 2.40 -16.83 -28.58
CA TYR B 183 0.57 -14.22 -30.65
CA ASN B 184 -2.73 -14.51 -28.82
CA ALA B 185 -0.67 -14.84 -25.61
CA THR B 186 1.98 -12.17 -25.67
CA LEU B 187 -0.86 -9.85 -26.62
CA SER B 188 -3.05 -10.76 -23.68
CA VAL B 189 -0.35 -10.88 -20.97
CA HIS B 190 0.42 -7.34 -22.08
CA GLN B 191 -3.18 -6.29 -21.17
CA LEU B 192 -2.93 -8.25 -17.92
CA VAL B 193 0.32 -6.68 -16.58
CA GLU B 194 -1.64 -3.48 -16.80
CA ASN B 195 -5.20 -4.17 -15.79
CA THR B 196 -6.48 -6.86 -13.41
CA ASP B 197 -4.65 -6.78 -10.07
CA GLU B 198 -5.28 -10.23 -8.82
CA THR B 199 -4.74 -13.07 -11.29
CA TYR B 200 -4.69 -16.77 -10.51
CA CYS B 201 -2.97 -18.66 -13.37
CA ILE B 202 -3.64 -22.37 -13.61
CA ASP B 203 -1.45 -24.61 -15.75
CA ASN B 204 -3.20 -27.59 -17.20
CA GLU B 205 -0.13 -29.86 -16.92
CA ALA B 206 1.11 -28.61 -13.57
CA LEU B 207 -2.37 -29.71 -12.50
CA TYR B 208 -2.35 -33.09 -14.18
CA ASP B 209 0.88 -33.84 -12.38
CA ILE B 210 -0.35 -32.47 -9.08
CA CYS B 211 -3.60 -34.30 -9.84
CA PHE B 212 -2.24 -37.66 -10.98
CA ARG B 213 0.81 -38.06 -8.87
CA THR B 214 -1.09 -39.02 -5.79
CA LEU B 215 -4.21 -39.78 -7.70
CA LYS B 216 -4.73 -43.15 -9.22
CA LEU B 217 -5.94 -41.70 -12.48
CA THR B 218 -3.16 -41.34 -15.04
CA THR B 219 -4.54 -38.38 -16.57
CA PRO B 220 -7.08 -36.51 -14.79
CA THR B 221 -10.20 -35.82 -16.61
CA TYR B 222 -10.95 -32.19 -17.22
CA GLY B 223 -13.78 -32.18 -14.72
CA ASP B 224 -11.08 -32.97 -12.21
CA LEU B 225 -8.56 -30.28 -13.09
CA ASN B 226 -11.46 -27.85 -13.06
CA HIS B 227 -12.57 -29.28 -9.77
CA LEU B 228 -9.14 -28.79 -8.21
CA VAL B 229 -8.95 -25.21 -9.46
CA SER B 230 -12.46 -24.36 -8.25
CA ALA B 231 -11.24 -25.69 -4.90
CA THR B 232 -8.72 -22.87 -4.66
CA MET B 233 -10.98 -20.03 -5.81
CA SER B 234 -13.36 -21.12 -3.03
CA GLY B 235 -10.64 -20.86 -0.39
CA VAL B 236 -9.82 -17.39 -1.67
CA THR B 237 -13.10 -15.49 -1.90
CA THR B 238 -16.14 -17.19 -0.35
CA CYS B 239 -13.91 -18.49 2.41
CA LEU B 240 -12.76 -15.13 3.72
CA ARG B 241 -16.39 -14.11 3.68
CA PHE B 242 -16.42 -16.12 6.81
CA PRO B 243 -13.98 -13.87 8.73
CA GLY B 244 -11.36 -15.78 10.42
CA GLN B 245 -10.30 -15.42 13.97
CA LEU B 246 -8.04 -12.86 12.51
CA ASN B 247 -9.63 -11.61 9.46
CA ALA B 248 -8.00 -10.61 6.36
CA ASP B 249 -9.66 -9.09 3.45
CA LEU B 250 -9.06 -8.65 -0.23
CA ARG B 251 -7.21 -5.37 -0.23
CA LYS B 252 -4.94 -6.07 2.77
CA LEU B 253 -4.32 -9.34 0.95
CA ALA B 254 -3.73 -7.38 -2.20
CA VAL B 255 -1.88 -4.46 -0.63
CA ASN B 256 0.48 -6.84 1.19
CA MET B 257 1.00 -9.32 -1.57
CA VAL B 258 1.81 -7.19 -4.49
CA PRO B 259 4.48 -4.88 -3.57
CA PHE B 260 4.39 -3.58 -7.10
CA PRO B 261 1.63 -2.00 -8.84
CA ARG B 262 3.00 -3.27 -12.11
CA LEU B 263 1.68 -6.81 -11.68
CA HIS B 264 2.74 -9.97 -10.06
CA PHE B 265 1.23 -13.37 -10.67
CA PHE B 266 1.21 -16.03 -8.25
CA MET B 267 1.63 -19.63 -7.76
CA PRO B 268 -1.18 -21.37 -5.90
CA GLY B 269 -0.75 -24.57 -3.88
CA PHE B 270 -3.29 -26.56 -1.98
CA ALA B 271 -2.00 -27.86 1.29
CA PRO B 272 -4.21 -31.59 0.29
CA LEU B 273 -4.50 -33.50 -2.51
CA THR B 274 -4.94 -37.26 -1.66
CA SER B 275 -5.26 -40.18 -3.59
CA ARG B 276 -8.53 -41.12 -2.12
CA GLY B 277 -7.88 -44.62 -1.03
CA SER B 278 -4.56 -44.97 0.18
CA GLN B 279 -3.77 -41.39 0.88
CA GLN B 280 -6.58 -40.74 2.76
CA TYR B 281 -5.87 -41.04 6.40
CA ARG B 282 -7.41 -37.78 6.00
CA ALA B 283 -5.41 -36.19 8.50
CA LEU B 284 -4.46 -33.06 7.51
CA THR B 285 -2.94 -33.35 10.26
CA VAL B 286 -0.76 -30.37 10.17
CA PRO B 287 3.03 -30.80 9.55
CA GLU B 288 2.06 -32.60 6.40
CA LEU B 289 0.34 -29.57 4.94
CA THR B 290 3.21 -27.22 5.68
CA GLN B 291 5.48 -29.95 4.43
CA GLN B 292 3.51 -29.72 1.21
CA MET B 293 2.85 -25.99 0.68
CA PHE B 294 6.19 -24.57 1.52
CA ASP B 295 7.93 -27.07 -0.96
CA ALA B 296 7.92 -26.66 -4.70
CA LYS B 297 5.46 -29.44 -5.16
CA ASN B 298 1.77 -28.73 -5.50
CA MET B 299 2.36 -25.46 -7.10
CA MET B 300 -0.03 -24.64 -9.82
CA ALA B 301 2.60 -22.40 -11.33
CA ALA B 302 5.12 -24.46 -13.30
CA CYS B 303 7.81 -22.27 -11.84
CA ASP B 304 8.91 -23.69 -8.66
CA PRO B 305 9.11 -21.41 -5.76
CA ARG B 306 12.63 -22.46 -5.29
CA HIS B 307 13.30 -20.43 -8.38
CA GLY B 308 11.62 -17.23 -7.30
CA ARG B 309 12.45 -15.08 -4.28
CA TYR B 310 9.85 -13.52 -2.98
CA LEU B 311 7.43 -10.84 -2.33
CA THR B 312 4.84 -12.47 -0.08
CA VAL B 313 3.37 -15.77 0.90
CA ALA B 314 -0.21 -16.24 2.02
CA ALA B 315 -1.14 -19.46 3.69
CA VAL B 316 -4.86 -19.11 3.59
CA PHE B 317 -5.79 -22.02 5.91
CA ARG B 318 -9.42 -23.03 6.40
CA GLY B 319 -10.27 -25.55 9.08
CA ARG B 320 -10.33 -26.07 12.78
CA MET B 321 -6.86 -25.30 13.97
CA SER B 322 -5.20 -23.66 16.91
CA MET B 323 -3.92 -20.18 16.25
CA LYS B 324 -0.83 -21.30 18.09
CA GLU B 325 0.04 -24.52 16.25
CA VAL B 326 -0.68 -22.57 13.08
CA ASP B 327 1.05 -19.32 13.81
CA GLU B 328 3.90 -21.40 15.23
CA GLN B 329 4.54 -23.95 12.50
CA MET B 330 4.64 -21.17 9.91
CA LEU B 331 7.66 -19.86 11.77
CA ASN B 332 9.95 -22.89 11.89
CA VAL B 333 9.02 -23.22 8.25
CA GLN B 334 10.24 -19.65 7.77
CA ASN B 335 13.49 -20.50 9.53
CA LYS B 336 14.28 -23.98 8.24
CA ASN B 337 14.31 -22.05 5.06
CA SER B 338 17.52 -20.88 6.33
CA SER B 339 18.42 -17.28 6.71
CA TYR B 340 15.86 -15.15 5.21
CA PHE B 341 13.85 -13.17 4.15
CA VAL B 342 15.95 -10.46 3.23
CA GLU B 343 16.91 -7.20 4.74
CA TRP B 344 13.41 -5.93 4.25
CA ILE B 345 11.19 -8.05 6.44
CA PRO B 346 11.56 -11.03 8.63
CA ASN B 347 8.16 -12.51 7.93
CA ASN B 348 6.86 -12.11 4.42
CA VAL B 349 4.38 -14.73 5.23
CA LYS B 350 0.77 -13.60 5.55
CA THR B 351 -0.97 -16.11 7.77
CA ALA B 352 -4.68 -16.24 7.13
CA VAL B 353 -7.13 -18.46 8.97
CA CYS B 354 -10.70 -19.34 8.09
CA ASP B 355 -12.67 -20.99 10.76
CA ILE B 356 -14.05 -23.76 8.91
CA PRO B 357 -13.26 -26.78 7.10
CA PRO B 358 -14.39 -27.38 3.87
CA ARG B 359 -17.28 -29.45 4.21
CA GLY B 360 -15.79 -32.83 3.59
CA LEU B 361 -12.31 -32.12 4.44
CA LYS B 362 -11.06 -31.68 7.89
CA MET B 363 -8.92 -28.79 6.87
CA SER B 364 -7.01 -27.37 4.01
CA ALA B 365 -4.68 -24.37 3.47
CA THR B 366 -4.41 -22.57 0.17
CA PHE B 367 -0.98 -21.21 -0.67
CA ILE B 368 -0.50 -18.09 -2.73
CA GLY B 369 3.16 -17.49 -3.33
CA ASN B 370 4.67 -14.38 -4.94
CA SER B 371 7.42 -15.77 -7.12
CA THR B 372 10.08 -14.08 -9.26
CA ALA B 373 10.04 -17.51 -10.80
CA ILE B 374 7.25 -16.54 -13.12
CA GLN B 375 9.96 -14.69 -14.95
CA GLU B 376 10.77 -18.00 -16.63
CA LEU B 377 7.36 -18.09 -18.28
CA PHE B 378 6.89 -14.72 -19.83
CA LYS B 379 10.36 -15.50 -21.12
CA ARG B 380 8.98 -18.60 -22.74
CA ILE B 381 6.01 -16.80 -24.24
CA SER B 382 8.16 -13.87 -25.30
CA GLU B 383 10.57 -16.28 -26.98
CA GLN B 384 7.91 -18.09 -29.03
CA PHE B 385 6.81 -14.69 -30.26
CA THR B 386 10.11 -13.45 -31.66
CA ALA B 387 10.97 -16.85 -33.19
CA MET B 388 7.78 -16.48 -35.21
CA PHE B 389 7.35 -12.78 -35.28
CA ARG B 390 10.71 -12.72 -37.05
CA ARG B 391 9.54 -15.27 -39.53
CA LYS B 392 6.45 -13.24 -39.80
CA ALA B 393 5.00 -15.75 -42.10
CA PHE B 394 2.54 -16.13 -39.38
CA LEU B 395 2.23 -12.41 -38.57
CA HIS B 396 0.24 -11.73 -41.75
CA TRP B 397 -3.13 -12.72 -40.27
CA TYR B 398 -2.67 -9.99 -37.71
CA THR B 399 -1.10 -7.15 -39.66
CA GLY B 400 -3.41 -7.91 -42.59
CA GLU B 401 -6.19 -8.12 -40.05
CA GLY B 402 -5.06 -4.62 -39.16
CA MET B 403 -3.40 -5.16 -35.73
CA ASP B 404 -0.68 -2.24 -35.91
CA GLU B 405 2.64 -3.46 -36.38
CA MET B 406 3.49 -1.34 -33.36
CA GLU B 407 0.86 -3.10 -31.20
CA PHE B 408 2.73 -6.39 -31.22
CA THR B 409 5.96 -4.52 -30.64
CA GLU B 410 4.40 -2.86 -27.64
CA ALA B 411 3.17 -5.98 -25.88
CA GLU B 412 6.28 -8.06 -26.35
CA SER B 413 8.48 -5.30 -25.04
CA ASN B 414 6.16 -4.57 -22.11
CA MET B 415 5.73 -8.20 -21.15
CA ASN B 416 9.38 -8.66 -22.11
CA ASP B 417 10.47 -5.94 -19.69
CA LEU B 418 8.19 -7.62 -17.16
CA VAL B 419 10.66 -10.53 -17.30
CA SER B 420 13.53 -8.17 -16.66
CA GLU B 421 12.10 -6.59 -13.50
CA TYR B 422 11.19 -9.93 -11.92
CA GLN B 423 14.91 -10.77 -12.02
CA GLN B 424 15.70 -7.56 -10.12
CA TYR B 425 14.66 -9.50 -7.02
CA GLN B 426 15.99 -12.96 -7.84
CA ASP B 427 19.28 -11.12 -7.48
CA ALA C 1 42.59 28.79 -16.02
CA LEU C 2 40.36 26.79 -13.74
CA HIS C 3 40.73 23.07 -13.95
CA ASP C 4 38.51 21.55 -16.56
CA GLU C 5 36.09 19.38 -14.72
CA ASN C 6 33.02 18.16 -16.49
CA GLU C 7 29.82 19.49 -15.09
CA THR C 8 28.03 16.95 -13.04
CA ASN C 9 24.74 18.34 -14.17
CA ILE C 10 23.69 19.72 -17.51
CA ASN C 11 23.16 22.04 -14.32
CA VAL C 12 21.09 22.93 -11.33
CA VAL C 13 20.30 26.47 -10.26
CA VAL C 14 18.09 27.69 -7.49
CA ARG C 15 15.91 30.74 -7.57
CA VAL C 16 14.44 32.15 -4.42
CA ARG C 17 11.37 34.31 -4.64
CA GLY C 18 10.66 37.19 -2.36
CA ARG C 19 8.44 35.95 0.38
CA THR C 20 4.72 36.26 0.36
CA ASP C 21 3.44 39.05 2.52
CA GLN C 22 0.92 36.74 4.08
CA GLU C 23 3.38 34.16 5.20
CA VAL C 24 5.67 36.71 6.66
CA ARG C 25 3.10 38.67 8.62
CA ASP C 26 0.87 35.88 9.85
CA ASN C 27 3.57 33.29 10.25
CA SER C 28 5.86 36.00 11.47
CA SER C 29 8.19 33.69 9.67
CA LEU C 30 11.83 34.52 9.32
CA ALA C 31 13.46 33.91 6.04
CA VAL C 32 14.66 30.41 6.57
CA SER C 33 16.27 30.43 3.19
CA THR C 34 19.12 32.68 2.28
CA SER C 35 20.49 32.81 -1.19
CA GLY C 36 23.70 34.42 -2.23
CA ALA C 37 24.30 34.63 -5.92
CA MET C 38 27.89 35.57 -5.39
CA GLY C 39 28.13 32.75 -2.92
CA ALA C 40 26.40 30.51 -5.40
CA GLU C 41 25.20 29.05 -2.17
CA LEU C 42 21.86 28.61 -0.48
CA ALA C 43 21.45 28.30 3.22
CA ILE C 44 18.44 26.92 4.98
CA GLN C 45 18.01 27.68 8.61
CA SER C 46 16.58 25.34 11.18
CA ASP C 47 15.40 26.59 14.51
CA PRO C 48 17.64 29.36 15.63
CA SER C 49 21.13 28.00 16.22
CA SER C 50 23.02 25.94 13.74
CA MET C 51 20.79 25.03 10.86
CA LEU C 52 19.81 21.55 11.93
CA VAL C 53 17.42 20.90 9.13
CA THR C 54 19.96 21.52 6.45
CA LYS C 55 23.23 23.25 5.82
CA THR C 56 24.40 25.63 3.18
CA TYR C 57 24.53 24.17 -0.26
CA ALA C 58 26.57 25.22 -3.21
CA PHE C 59 24.85 25.18 -6.54
CA ASP C 60 25.90 26.04 -10.02
CA LYS C 61 23.98 29.26 -9.91
CA VAL C 62 21.88 30.85 -7.23
CA PHE C 63 19.42 33.62 -7.72
CA GLY C 64 18.11 35.45 -4.70
CA PRO C 65 15.13 37.69 -4.61
CA GLU C 66 17.19 40.28 -6.43
CA ALA C 67 17.29 38.35 -9.67
CA ASP C 68 14.76 39.48 -12.22
CA GLN C 69 13.27 37.29 -14.90
CA LEU C 70 15.70 38.60 -17.45
CA MET C 71 18.60 37.70 -15.23
CA LEU C 72 17.37 34.13 -15.16
CA PHE C 73 17.16 34.07 -18.93
CA GLU C 74 20.55 35.55 -19.55
CA ASN C 75 22.36 33.44 -17.07
CA SER C 76 20.58 30.16 -17.56
CA VAL C 77 18.78 30.22 -20.87
CA ALA C 78 21.14 31.98 -23.21
CA PRO C 79 23.91 29.48 -23.02
CA MET C 80 21.50 26.60 -23.39
CA LEU C 81 19.88 28.06 -26.45
CA GLU C 82 23.14 28.39 -28.27
CA GLN C 83 23.46 24.71 -27.61
CA VAL C 84 20.09 24.24 -29.26
CA LEU C 85 21.22 26.17 -32.27
CA ASN C 86 24.24 23.92 -32.14
CA GLY C 87 22.21 20.75 -32.49
CA TYR C 88 21.99 19.73 -28.86
CA ASN C 89 18.75 18.60 -27.33
CA CYS C 90 18.19 20.64 -24.21
CA THR C 91 15.65 20.57 -21.45
CA ILE C 92 14.88 23.10 -18.76
CA PHE C 93 12.28 22.47 -16.15
CA ALA C 94 11.20 24.31 -13.03
CA TYR C 95 10.92 22.24 -9.88
CA GLY C 96 9.71 23.37 -6.53
CA GLN C 97 6.93 23.58 -4.04
CA THR C 98 3.89 25.48 -5.11
CA GLY C 99 3.96 29.23 -4.93
CA THR C 100 7.63 29.17 -5.74
CA GLY C 101 6.91 30.87 -9.01
CA LYS C 102 7.74 27.96 -11.23
CA THR C 103 4.98 29.03 -13.58
CA TYR C 104 5.89 32.63 -13.21
CA THR C 105 9.44 31.91 -14.11
CA MET C 106 8.71 29.52 -16.94
CA SER C 107 5.63 31.26 -18.34
CA GLY C 108 5.81 34.67 -16.80
CA ASP C 109 2.95 37.08 -16.31
CA LEU C 110 1.39 39.52 -18.72
CA SER C 111 2.72 43.03 -19.14
CA ASP C 112 2.21 45.97 -21.41
CA SER C 113 3.06 45.64 -25.05
CA ASP C 114 6.59 44.39 -25.17
CA GLY C 115 9.17 45.99 -27.35
CA ILE C 116 11.62 43.96 -29.29
CA LEU C 117 13.25 43.30 -25.99
CA SER C 118 10.75 41.45 -23.89
CA GLU C 119 10.26 42.11 -20.24
CA GLY C 120 7.83 40.72 -17.76
CA ALA C 121 7.68 37.70 -19.99
CA GLY C 122 8.70 34.32 -18.73
CA LEU C 123 11.46 32.16 -20.10
CA ILE C 124 9.30 30.47 -22.67
CA PRO C 125 8.12 33.52 -24.50
CA ARG C 126 11.61 34.92 -24.37
CA ALA C 127 13.26 31.85 -25.78
CA LEU C 128 10.88 31.59 -28.65
CA TYR C 129 11.52 35.17 -29.62
CA GLN C 130 15.27 34.71 -29.38
CA LEU C 131 15.31 31.61 -31.48
CA PHE C 132 13.87 33.29 -34.51
CA SER C 133 16.20 36.20 -34.10
CA SER C 134 19.14 33.91 -33.57
CA LEU C 135 18.47 31.62 -36.48
CA ASP C 136 17.79 34.42 -38.90
CA ASN C 137 21.07 35.95 -37.93
CA SER C 138 22.81 32.64 -38.45
CA ASN C 139 21.20 32.55 -41.88
CA GLN C 140 20.51 28.85 -41.78
CA GLU C 141 17.63 27.40 -43.62
CA TYR C 142 15.43 26.56 -40.71
CA ALA C 143 11.98 25.43 -39.71
CA VAL C 144 10.41 25.82 -36.31
CA LYS C 145 7.81 23.56 -34.81
CA CYS C 146 6.15 23.92 -31.47
CA SER C 147 4.08 21.60 -29.34
CA TYR C 148 2.49 22.12 -25.96
CA TYR C 149 1.02 19.40 -23.83
CA GLU C 150 0.35 18.85 -20.18
CA LEU C 151 0.44 15.83 -17.97
CA TYR C 152 -2.73 15.67 -15.98
CA ASN C 153 -3.33 12.61 -13.86
CA GLU C 154 -0.59 10.75 -15.63
CA GLU C 155 -2.30 11.36 -18.90
CA ILE C 156 -1.33 13.68 -21.66
CA ARG C 157 -3.45 16.28 -23.34
CA ASP C 158 -2.51 18.56 -26.19
CA LEU C 159 -2.97 22.14 -25.13
CA LEU C 160 -2.85 23.56 -28.62
CA VAL C 161 -5.98 21.78 -29.63
CA SER C 162 -8.36 20.44 -27.08
CA GLU C 163 -7.95 16.70 -27.17
CA GLU C 164 -5.85 13.99 -25.68
CA LEU C 165 -2.49 13.28 -27.21
CA ARG C 166 -1.86 9.91 -28.68
CA LYS C 167 1.35 8.06 -29.27
CA PRO C 168 1.96 5.50 -31.89
CA ALA C 169 0.43 2.51 -30.25
CA ARG C 170 0.73 2.74 -26.54
CA VAL C 171 3.44 5.23 -25.75
CA PHE C 172 6.77 3.62 -26.17
CA GLU C 173 10.31 4.87 -25.80
CA ASP C 174 11.95 5.69 -29.06
CA THR C 175 14.42 3.15 -30.30
CA SER C 176 16.87 5.86 -31.23
CA ARG C 177 17.15 7.12 -27.72
CA ARG C 178 15.99 5.23 -24.73
CA GLY C 179 15.32 8.58 -23.19
CA ASN C 180 13.56 9.98 -26.15
CA VAL C 181 10.14 8.79 -26.99
CA VAL C 182 8.57 8.65 -30.38
CA ILE C 183 5.27 10.37 -30.67
CA THR C 184 2.87 10.75 -33.54
CA GLY C 185 -0.50 12.40 -33.75
CA ILE C 186 0.54 15.24 -31.53
CA GLU C 187 -0.40 18.52 -33.12
CA GLU C 188 2.85 20.24 -33.67
CA SER C 189 2.55 23.58 -35.30
CA TYR C 190 4.95 25.26 -37.64
CA ILE C 191 5.66 28.83 -36.77
CA LYS C 192 7.12 31.29 -39.22
CA ASN C 193 8.30 33.85 -36.72
CA ALA C 194 7.88 35.16 -33.22
CA GLY C 195 4.51 36.65 -33.99
CA ASP C 196 3.22 33.37 -35.31
CA GLY C 197 4.51 31.47 -32.33
CA LEU C 198 2.98 33.93 -29.94
CA ARG C 199 -0.53 33.42 -31.16
CA LEU C 200 -0.10 29.71 -30.91
CA LEU C 201 1.24 30.10 -27.41
CA ARG C 202 -1.57 32.26 -26.14
CA GLU C 203 -4.19 29.85 -27.35
CA GLY C 204 -2.33 26.91 -25.95
CA SER C 205 -1.63 28.47 -22.59
CA HIS C 206 -5.24 29.47 -22.29
CA ARG C 207 -6.17 25.94 -23.13
CA ARG C 208 -4.06 24.55 -20.33
CA GLN C 209 -6.08 23.50 -17.37
CA VAL C 210 -5.21 24.66 -13.95
CA ALA C 211 -6.48 23.04 -10.83
CA ALA C 212 -7.32 25.64 -8.32
CA THR C 213 -5.52 25.08 -5.09
CA LYS C 214 -6.19 26.97 -1.94
CA CYS C 215 -2.65 28.17 -1.79
CA ASN C 216 -2.47 29.29 -5.36
CA ASP C 217 -5.26 29.95 -7.77
CA LEU C 218 -2.77 30.23 -10.61
CA SER C 219 -0.96 27.02 -9.78
CA SER C 220 -2.07 24.12 -11.90
CA ARG C 221 -1.73 20.49 -10.98
CA SER C 222 -0.63 19.63 -14.45
CA HIS C 223 2.89 19.65 -15.72
CA SER C 224 3.28 21.55 -18.92
CA ILE C 225 5.78 20.73 -21.57
CA PHE C 226 6.53 23.19 -24.29
CA THR C 227 8.64 21.75 -27.03
CA ILE C 228 10.37 23.49 -29.85
CA THR C 229 12.03 21.59 -32.61
CA LEU C 230 14.36 23.30 -34.96
CA HIS C 231 15.58 21.79 -38.17
CA ARG C 232 18.52 23.48 -39.72
CA LYS C 233 19.46 22.92 -43.31
CA VAL C 234 20.04 25.25 -46.20
CA SER C 235 17.49 26.86 -48.45
CA SER C 236 19.81 25.98 -51.29
CA GLY C 237 18.14 23.87 -53.93
CA MET C 238 17.54 23.79 -57.65
CA THR C 239 15.09 26.21 -59.13
CA ASP C 240 13.50 23.34 -60.98
CA GLU C 241 12.65 20.37 -58.89
CA THR C 242 15.38 17.91 -59.63
CA ASN C 243 16.85 15.31 -57.39
CA SER C 244 20.60 15.45 -57.66
CA LEU C 245 23.31 16.63 -55.41
CA THR C 246 24.20 20.10 -56.52
CA ILE C 247 26.82 22.10 -54.78
CA ASN C 248 24.98 23.73 -51.94
CA ASN C 249 28.38 23.73 -50.32
CA ASN C 250 31.77 22.20 -50.85
CA SER C 251 31.45 20.08 -47.76
CA ASP C 252 28.84 17.47 -47.17
CA ASP C 253 25.65 19.15 -46.14
CA LEU C 254 24.85 18.68 -42.51
CA LEU C 255 21.32 18.77 -41.33
CA ARG C 256 21.27 19.44 -37.68
CA ALA C 257 18.19 19.20 -35.59
CA SER C 258 17.70 20.44 -32.11
CA LYS C 259 14.99 20.47 -29.57
CA LEU C 260 14.42 22.50 -26.44
CA HIS C 261 12.00 21.39 -23.85
CA MET C 262 10.77 24.03 -21.49
CA VAL C 263 8.97 22.33 -18.70
CA ASP C 264 6.80 24.01 -16.14
CA LEU C 265 6.13 21.30 -13.65
CA ALA C 266 3.49 21.71 -11.06
CA GLY C 267 4.75 20.97 -7.64
CA SER C 268 2.91 18.38 -5.68
CA GLU C 269 -0.06 19.50 -3.69
CA ASN C 270 -0.40 18.49 -0.14
CA ILE C 271 -3.81 17.12 0.59
CA GLY C 272 -3.79 18.37 4.13
CA ARG C 273 -3.29 21.93 3.02
CA SER C 274 -5.43 21.58 -0.06
CA GLY C 275 -8.29 19.90 1.66
CA ALA C 276 -8.30 17.97 -1.55
CA GLU C 277 -11.60 16.61 -2.77
CA ASN C 278 -12.11 13.61 -4.94
CA LYS C 279 -11.00 15.63 -7.94
CA ARG C 280 -8.11 17.31 -6.18
CA ALA C 281 -7.17 14.12 -4.44
CA ARG C 282 -6.95 12.35 -7.75
CA GLU C 283 -4.59 15.02 -8.96
CA THR C 284 -2.65 14.83 -5.75
CA GLY C 285 -2.26 11.11 -6.02
CA MET C 286 -0.92 11.37 -9.53
CA ILE C 287 1.33 14.22 -8.55
CA ASN C 288 2.69 12.36 -5.59
CA GLN C 289 3.18 9.23 -7.60
CA SER C 290 5.00 11.02 -10.38
CA LEU C 291 7.22 12.75 -7.91
CA LEU C 292 7.82 9.51 -6.13
CA THR C 293 8.97 7.90 -9.31
CA LEU C 294 11.20 10.89 -9.90
CA GLY C 295 12.74 10.15 -6.58
CA ARG C 296 13.36 6.59 -7.63
CA VAL C 297 15.13 7.56 -10.79
CA ILE C 298 17.36 10.04 -9.07
CA ASN C 299 18.36 7.54 -6.45
CA ALA C 300 18.69 4.89 -9.08
CA LEU C 301 21.17 7.02 -10.94
CA VAL C 302 23.16 7.85 -7.85
CA GLU C 303 23.12 4.27 -6.73
CA LYS C 304 23.79 3.19 -10.24
CA ALA C 305 21.11 0.66 -9.56
CA HIS C 306 20.60 -1.86 -12.29
CA HIS C 307 16.97 -0.98 -12.69
CA ILE C 308 15.95 2.48 -13.73
CA PRO C 309 12.51 3.26 -12.56
CA TYR C 310 12.21 5.37 -15.71
CA ARG C 311 10.00 2.81 -17.32
CA GLU C 312 7.43 2.96 -14.55
CA SER C 313 6.02 6.42 -15.03
CA LYS C 314 5.38 8.25 -18.24
CA LEU C 315 6.98 11.40 -16.95
CA THR C 316 10.21 9.65 -16.14
CA ARG C 317 10.19 7.91 -19.50
CA LEU C 318 10.14 11.16 -21.42
CA LEU C 319 12.65 12.63 -18.97
CA GLN C 320 14.97 9.64 -19.18
CA ASP C 321 17.12 11.12 -21.92
CA SER C 322 17.05 14.31 -19.91
CA LEU C 323 18.48 12.60 -16.91
CA GLY C 324 21.96 11.23 -17.25
CA GLY C 325 21.23 11.15 -20.90
CA LYS C 326 22.72 12.89 -23.86
CA THR C 327 20.36 15.80 -23.52
CA LYS C 328 21.71 18.89 -21.89
CA THR C 329 19.44 19.58 -19.01
CA SER C 330 19.27 22.44 -16.59
CA MET C 331 16.98 22.59 -13.65
CA ILE C 332 15.67 25.62 -11.92
CA VAL C 333 14.61 24.90 -8.41
CA THR C 334 12.31 27.51 -7.05
CA VAL C 335 11.87 28.02 -3.35
CA SER C 336 10.26 30.51 -1.04
CA SER C 337 12.12 32.39 1.66
CA THR C 338 9.53 31.89 4.37
CA ASN C 339 10.03 29.71 7.40
CA THR C 340 6.58 28.35 6.82
CA ASN C 341 7.65 25.87 4.21
CA LEU C 342 10.89 24.62 5.66
CA GLU C 343 10.13 21.03 4.89
CA GLU C 344 9.11 21.61 1.34
CA THR C 345 12.06 23.86 0.77
CA ILE C 346 14.48 21.34 2.05
CA SER C 347 12.92 18.61 0.02
CA THR C 348 13.31 20.68 -3.11
CA LEU C 349 16.91 21.53 -2.36
CA GLU C 350 17.70 17.96 -1.38
CA TYR C 351 16.44 16.51 -4.63
CA ALA C 352 17.94 19.27 -6.67
CA ALA C 353 21.28 18.76 -5.03
CA ARG C 354 21.09 15.07 -5.76
CA ALA C 355 20.35 15.82 -9.36
CA LYS C 356 23.54 17.79 -9.47
CA SER C 357 25.44 14.63 -8.67
CA ILE C 358 23.51 12.76 -11.30
CA ARG C 359 25.39 13.49 -14.46
CA ASN C 360 24.50 13.38 -18.10
CA LYS C 361 26.70 12.43 -21.01
CA PRO C 362 27.42 14.90 -23.65
CA GLN C 363 25.88 14.44 -27.04
CA ASN C 364 26.74 16.06 -30.30
CA ASN C 365 25.96 15.48 -33.90
CA GLN C 366 28.44 16.11 -36.60
CA LEU C 367 29.53 14.58 -39.82
CA VAL C 368 33.18 13.80 -40.18
CA PHE C 369 35.13 13.80 -43.40
MG MG D . -11.10 -7.09 11.57
PG GTP E . -8.91 -4.22 11.00
O1G GTP E . -7.42 -4.04 10.74
O2G GTP E . -9.57 -3.14 10.13
O3G GTP E . -9.38 -5.62 10.64
O3B GTP E . -9.28 -4.09 12.61
PB GTP E . -8.75 -5.09 13.81
O1B GTP E . -8.11 -4.17 14.85
O2B GTP E . -9.81 -5.99 14.24
O3A GTP E . -7.54 -5.82 13.20
PA GTP E . -6.72 -7.04 13.57
O1A GTP E . -7.56 -8.21 13.88
O2A GTP E . -5.70 -7.23 12.49
O5' GTP E . -5.89 -6.55 14.91
C5' GTP E . -5.04 -7.54 15.43
C4' GTP E . -4.25 -7.17 16.64
O4' GTP E . -5.00 -7.44 17.85
C3' GTP E . -3.02 -8.06 16.72
O3' GTP E . -2.00 -7.41 17.43
C2' GTP E . -3.57 -9.29 17.42
O2' GTP E . -2.51 -9.96 18.10
C1' GTP E . -4.61 -8.72 18.40
N9 GTP E . -5.84 -9.52 18.57
C8 GTP E . -6.71 -9.92 17.59
N7 GTP E . -7.71 -10.63 18.04
C5 GTP E . -7.48 -10.72 19.39
C6 GTP E . -8.21 -11.38 20.39
O6 GTP E . -9.25 -12.01 20.24
N1 GTP E . -7.63 -11.24 21.68
C2 GTP E . -6.48 -10.54 21.95
N2 GTP E . -6.08 -10.52 23.19
N3 GTP E . -5.77 -9.92 21.01
C4 GTP E . -6.31 -10.04 19.75
PB GDP F . -11.69 -20.31 -26.53
O1B GDP F . -11.57 -18.94 -26.01
O2B GDP F . -12.78 -21.06 -26.06
O3B GDP F . -11.57 -20.27 -28.15
O3A GDP F . -10.43 -21.09 -25.99
PA GDP F . -10.33 -22.48 -25.06
O1A GDP F . -10.89 -22.19 -23.71
O2A GDP F . -11.04 -23.57 -25.85
O5' GDP F . -8.79 -22.65 -24.94
C5' GDP F . -8.19 -23.95 -24.68
C4' GDP F . -7.36 -24.01 -23.48
O4' GDP F . -8.23 -23.76 -22.30
C3' GDP F . -6.77 -25.43 -23.14
O3' GDP F . -5.43 -25.19 -22.61
C2' GDP F . -7.63 -26.09 -22.03
O2' GDP F . -7.00 -26.96 -21.08
C1' GDP F . -8.21 -24.88 -21.30
N9 GDP F . -9.59 -25.06 -20.83
C8 GDP F . -10.71 -25.12 -21.83
N7 GDP F . -11.70 -25.29 -20.84
C5 GDP F . -11.37 -25.34 -19.55
C6 GDP F . -11.84 -25.47 -18.23
O6 GDP F . -13.17 -25.60 -18.09
N1 GDP F . -11.06 -25.45 -17.13
C2 GDP F . -9.60 -25.28 -17.31
N2 GDP F . -9.04 -25.30 -16.12
N3 GDP F . -9.11 -25.17 -18.47
C4 GDP F . -9.93 -25.17 -19.54
O01 TA1 G . -13.92 -35.98 -4.37
C01 TA1 G . -13.48 -35.58 -3.06
C02 TA1 G . -11.85 -35.75 -3.07
O02 TA1 G . -11.46 -34.82 -4.15
C03 TA1 G . -10.99 -35.39 -5.38
O03 TA1 G . -10.88 -36.58 -5.56
C04 TA1 G . -10.66 -34.39 -6.35
C05 TA1 G . -11.22 -34.72 -7.66
C06 TA1 G . -10.91 -33.73 -8.74
C07 TA1 G . -10.12 -32.57 -8.49
C08 TA1 G . -9.68 -32.39 -7.31
C09 TA1 G . -9.89 -33.23 -6.18
C10 TA1 G . -11.02 -35.33 -1.74
C11 TA1 G . -9.69 -34.45 -2.04
O04 TA1 G . -10.01 -33.14 -2.66
C12 TA1 G . -10.67 -32.15 -1.98
O05 TA1 G . -11.04 -32.22 -0.85
C13 TA1 G . -10.82 -30.94 -2.89
C14 TA1 G . -8.61 -35.00 -2.99
O06 TA1 G . -7.57 -34.91 -1.99
C15 TA1 G . -8.51 -34.39 -1.03
C16 TA1 G . -8.59 -35.28 0.26
C17 TA1 G . -9.98 -35.83 0.55
O07 TA1 G . -9.93 -36.67 1.74
C18 TA1 G . -10.63 -36.59 -0.70
C19 TA1 G . -9.58 -37.59 -1.30
C20 TA1 G . -11.83 -37.57 -0.20
O08 TA1 G . -11.70 -38.77 -0.32
C21 TA1 G . -13.12 -37.02 0.41
O09 TA1 G . -13.99 -38.18 0.73
C22 TA1 G . -14.26 -38.50 2.05
O10 TA1 G . -13.85 -37.91 3.01
C23 TA1 G . -15.15 -39.71 2.12
C24 TA1 G . -13.80 -36.06 -0.56
C25 TA1 G . -13.93 -34.72 -0.21
C26 TA1 G . -14.49 -33.77 -1.31
O11 TA1 G . -14.28 -32.34 -1.04
C27 TA1 G . -15.26 -31.67 -0.43
O12 TA1 G . -16.30 -32.09 -0.06
C28 TA1 G . -14.86 -30.18 -0.27
O13 TA1 G . -15.94 -29.50 0.34
C29 TA1 G . -14.50 -29.61 -1.67
N01 TA1 G . -15.63 -29.91 -2.54
C30 TA1 G . -15.49 -30.06 -3.89
O14 TA1 G . -14.44 -29.93 -4.48
C31 TA1 G . -16.77 -30.42 -4.58
C32 TA1 G . -17.91 -29.62 -4.58
C33 TA1 G . -19.10 -30.03 -5.24
C34 TA1 G . -19.11 -31.27 -5.94
C35 TA1 G . -17.98 -32.07 -5.95
C36 TA1 G . -16.82 -31.68 -5.29
C37 TA1 G . -14.15 -28.11 -1.59
C38 TA1 G . -12.80 -27.76 -1.43
C39 TA1 G . -12.40 -26.40 -1.35
C40 TA1 G . -13.37 -25.39 -1.43
C41 TA1 G . -14.71 -25.72 -1.60
C42 TA1 G . -15.10 -27.09 -1.68
C43 TA1 G . -13.82 -34.06 -2.71
C44 TA1 G . -13.51 -34.08 1.11
C45 TA1 G . -14.28 -36.57 -2.00
C46 TA1 G . -15.86 -36.43 -2.10
C47 TA1 G . -14.05 -38.05 -2.37
MG MG H . 1.79 26.32 -11.67
PG ANP I . 1.93 24.96 -8.30
O1G ANP I . 0.97 24.29 -7.34
O2G ANP I . 3.24 24.19 -8.29
O3G ANP I . 1.37 25.03 -9.69
PB ANP I . 3.11 27.51 -8.70
O1B ANP I . 4.52 27.19 -8.47
O2B ANP I . 2.76 27.50 -10.26
N3B ANP I . 2.12 26.50 -7.74
PA ANP I . 3.02 30.05 -8.79
O1A ANP I . 4.21 31.01 -8.43
O2A ANP I . 1.89 30.47 -9.64
O3A ANP I . 2.71 28.82 -7.95
O5' ANP I . 2.24 30.69 -7.39
C5' ANP I . 2.04 31.98 -7.74
C4' ANP I . 1.48 33.02 -6.84
O4' ANP I . 2.66 33.34 -6.00
C3' ANP I . 1.44 33.99 -7.98
O3' ANP I . 0.21 34.76 -8.08
C2' ANP I . 2.65 34.90 -7.90
O2' ANP I . 2.44 36.30 -8.04
C1' ANP I . 3.33 34.53 -6.56
N9 ANP I . 4.72 34.50 -6.83
C8 ANP I . 5.52 33.45 -7.18
N7 ANP I . 6.74 33.87 -7.40
C5 ANP I . 6.79 35.21 -7.23
C6 ANP I . 7.83 36.18 -7.33
N6 ANP I . 9.10 35.80 -7.72
N1 ANP I . 7.55 37.47 -7.07
C2 ANP I . 6.31 37.86 -6.71
N3 ANP I . 5.31 36.98 -6.61
C4 ANP I . 5.50 35.66 -6.86
#